data_4F2Q
#
_entry.id   4F2Q
#
_cell.length_a   47.660
_cell.length_b   48.027
_cell.length_c   136.861
_cell.angle_alpha   90.00
_cell.angle_beta   90.00
_cell.angle_gamma   90.00
#
_symmetry.space_group_name_H-M   'P 2 2 21'
#
loop_
_entity.id
_entity.type
_entity.pdbx_description
1 polymer 'Glutamate receptor 3'
2 non-polymer '(S)-2-AMINO-3-(3,5-DIOXO-[1,2,4]OXADIAZOLIDIN-2-YL)-PROPIONIC ACID'
3 non-polymer 'ZINC ION'
4 water water
#
_entity_poly.entity_id   1
_entity_poly.type   'polypeptide(L)'
_entity_poly.pdbx_seq_one_letter_code
;RTIVVTTILESPYVMYKKNHEQLEGNERYEGYCVDLAYEIAKHVRIKYKLSIVGDGKYGARDPETKIWNGMVGELVYGRA
DIAVAPLTITLVREEVIDFSKPFMSLGISIMIKKGTPIESAEDLAKQTEIAYGTLASGSTKEFFRRSKIAVYEKMWSYMK
SAEPSVFTKTTADGVARVRKSKGKFAFLLESTMNEYIEQRKPCDTMKVGGNLDSKGYGVATPKGSALGNAVNLAVLKLNE
QGLLDKLKNKWWYDKGEC
;
_entity_poly.pdbx_strand_id   A
#
loop_
_chem_comp.id
_chem_comp.type
_chem_comp.name
_chem_comp.formula
QUS non-polymer '(S)-2-AMINO-3-(3,5-DIOXO-[1,2,4]OXADIAZOLIDIN-2-YL)-PROPIONIC ACID' 'C5 H7 N3 O5'
ZN non-polymer 'ZINC ION' 'Zn 2'
#
# COMPACT_ATOMS: atom_id res chain seq x y z
N ARG A 1 -25.22 -7.19 11.00
CA ARG A 1 -25.77 -6.57 9.80
C ARG A 1 -24.88 -5.40 9.33
N THR A 2 -24.38 -4.58 10.24
CA THR A 2 -23.46 -3.58 9.75
C THR A 2 -22.08 -4.16 9.78
N ILE A 3 -21.48 -4.32 8.61
CA ILE A 3 -20.18 -4.96 8.59
C ILE A 3 -18.98 -3.98 8.75
N VAL A 4 -17.94 -4.44 9.43
CA VAL A 4 -16.75 -3.64 9.69
C VAL A 4 -15.81 -3.77 8.53
N VAL A 5 -15.45 -2.65 7.91
CA VAL A 5 -14.44 -2.62 6.86
C VAL A 5 -13.15 -1.99 7.41
N THR A 6 -12.16 -2.82 7.73
CA THR A 6 -10.88 -2.33 8.18
C THR A 6 -10.13 -1.64 7.03
N THR A 7 -9.54 -0.50 7.32
CA THR A 7 -8.72 0.12 6.30
C THR A 7 -7.56 0.89 6.93
N ILE A 8 -6.87 1.70 6.13
CA ILE A 8 -5.61 2.29 6.57
C ILE A 8 -5.43 3.67 5.96
N LEU A 9 -4.97 4.63 6.77
CA LEU A 9 -4.80 6.01 6.30
C LEU A 9 -3.59 6.09 5.43
N GLU A 10 -3.80 6.13 4.12
CA GLU A 10 -2.71 6.11 3.14
C GLU A 10 -3.16 6.79 1.87
N SER A 11 -2.60 7.96 1.55
CA SER A 11 -3.09 8.75 0.43
C SER A 11 -2.63 8.10 -0.85
N PRO A 12 -3.48 8.11 -1.89
CA PRO A 12 -4.81 8.71 -1.83
C PRO A 12 -5.90 7.67 -1.65
N TYR A 13 -5.58 6.56 -0.98
CA TYR A 13 -6.56 5.48 -0.83
C TYR A 13 -7.61 5.86 0.18
N VAL A 14 -7.14 6.20 1.37
CA VAL A 14 -8.02 6.67 2.42
C VAL A 14 -7.41 7.91 3.07
N MET A 15 -8.19 8.97 3.11
CA MET A 15 -7.74 10.25 3.59
C MET A 15 -8.84 10.95 4.40
N TYR A 16 -8.45 11.66 5.47
CA TYR A 16 -9.33 12.61 6.16
C TYR A 16 -9.80 13.72 5.22
N LYS A 17 -11.12 13.92 5.12
CA LYS A 17 -11.65 15.11 4.45
C LYS A 17 -11.25 16.36 5.22
N LYS A 18 -11.22 17.50 4.53
CA LYS A 18 -10.64 18.73 5.11
C LYS A 18 -11.34 19.15 6.41
N ASN A 19 -12.65 18.99 6.45
CA ASN A 19 -13.47 19.27 7.63
C ASN A 19 -13.85 18.03 8.46
N HIS A 20 -12.98 17.02 8.46
CA HIS A 20 -13.27 15.76 9.13
C HIS A 20 -13.56 15.87 10.62
N GLU A 21 -12.84 16.75 11.32
CA GLU A 21 -13.00 16.82 12.76
C GLU A 21 -14.45 17.18 13.07
N GLN A 22 -15.13 17.73 12.07
CA GLN A 22 -16.52 18.10 12.26
C GLN A 22 -17.51 17.10 11.68
N LEU A 23 -17.02 15.95 11.22
CA LEU A 23 -17.87 14.95 10.59
C LEU A 23 -17.87 13.66 11.39
N GLU A 24 -18.72 12.71 11.00
CA GLU A 24 -18.79 11.43 11.73
C GLU A 24 -18.86 10.21 10.79
N GLY A 25 -18.36 9.09 11.32
CA GLY A 25 -18.43 7.81 10.64
C GLY A 25 -17.79 7.90 9.30
N ASN A 26 -18.45 7.35 8.29
CA ASN A 26 -17.77 7.18 7.02
C ASN A 26 -17.43 8.50 6.38
N GLU A 27 -18.20 9.52 6.73
CA GLU A 27 -18.10 10.81 6.09
C GLU A 27 -16.77 11.49 6.41
N ARG A 28 -16.07 10.97 7.41
CA ARG A 28 -14.77 11.50 7.79
C ARG A 28 -13.74 11.32 6.67
N TYR A 29 -13.93 10.34 5.80
CA TYR A 29 -12.88 9.91 4.89
C TYR A 29 -13.26 10.06 3.44
N GLU A 30 -12.22 10.18 2.60
CA GLU A 30 -12.35 10.14 1.15
C GLU A 30 -11.11 9.48 0.56
N GLY A 31 -11.23 8.99 -0.65
CA GLY A 31 -10.08 8.44 -1.31
C GLY A 31 -10.52 7.38 -2.27
N TYR A 32 -9.56 6.74 -2.90
CA TYR A 32 -9.86 5.71 -3.86
C TYR A 32 -10.55 4.54 -3.15
N CYS A 33 -10.04 4.13 -2.02
CA CYS A 33 -10.63 2.97 -1.32
C CYS A 33 -11.91 3.25 -0.62
N VAL A 34 -12.16 4.52 -0.34
CA VAL A 34 -13.40 4.92 0.25
C VAL A 34 -14.44 4.81 -0.85
N ASP A 35 -14.10 5.28 -2.04
CA ASP A 35 -15.01 5.16 -3.17
C ASP A 35 -15.29 3.67 -3.50
N LEU A 36 -14.26 2.84 -3.40
CA LEU A 36 -14.32 1.47 -3.84
C LEU A 36 -15.20 0.69 -2.87
N ALA A 37 -15.07 1.00 -1.57
CA ALA A 37 -15.84 0.30 -0.56
C ALA A 37 -17.29 0.62 -0.83
N TYR A 38 -17.53 1.87 -1.20
CA TYR A 38 -18.88 2.34 -1.48
C TYR A 38 -19.44 1.52 -2.64
N GLU A 39 -18.67 1.39 -3.71
CA GLU A 39 -19.18 0.67 -4.88
C GLU A 39 -19.39 -0.80 -4.58
N ILE A 40 -18.47 -1.38 -3.82
CA ILE A 40 -18.56 -2.79 -3.52
C ILE A 40 -19.80 -3.07 -2.67
N ALA A 41 -19.94 -2.33 -1.57
CA ALA A 41 -21.12 -2.45 -0.68
C ALA A 41 -22.43 -2.32 -1.42
N LYS A 42 -22.46 -1.48 -2.45
CA LYS A 42 -23.65 -1.30 -3.25
C LYS A 42 -24.02 -2.55 -4.07
N HIS A 43 -23.02 -3.27 -4.54
CA HIS A 43 -23.26 -4.48 -5.34
C HIS A 43 -23.47 -5.72 -4.48
N VAL A 44 -22.76 -5.76 -3.36
CA VAL A 44 -22.89 -6.85 -2.42
C VAL A 44 -24.16 -6.64 -1.61
N ARG A 45 -24.66 -5.40 -1.58
CA ARG A 45 -25.86 -4.98 -0.82
C ARG A 45 -25.73 -5.07 0.71
N ILE A 46 -24.75 -4.40 1.30
CA ILE A 46 -24.52 -4.48 2.74
C ILE A 46 -24.41 -3.06 3.27
N LYS A 47 -24.63 -2.87 4.56
CA LYS A 47 -24.32 -1.61 5.23
C LYS A 47 -22.97 -1.85 5.89
N TYR A 48 -22.16 -0.80 6.01
CA TYR A 48 -20.81 -0.99 6.51
C TYR A 48 -20.24 0.26 7.16
N LYS A 49 -19.19 0.06 7.93
CA LYS A 49 -18.58 1.10 8.71
C LYS A 49 -17.07 0.96 8.53
N LEU A 50 -16.45 1.98 7.97
CA LEU A 50 -15.00 2.01 7.83
C LEU A 50 -14.32 2.11 9.18
N SER A 51 -13.23 1.38 9.36
CA SER A 51 -12.51 1.50 10.62
C SER A 51 -11.00 1.49 10.40
N ILE A 52 -10.36 2.64 10.65
CA ILE A 52 -8.93 2.72 10.42
C ILE A 52 -8.23 1.79 11.38
N VAL A 53 -7.34 0.97 10.86
CA VAL A 53 -6.69 -0.07 11.65
C VAL A 53 -5.90 0.58 12.79
N GLY A 54 -6.07 0.08 14.00
CA GLY A 54 -5.48 0.72 15.16
C GLY A 54 -3.95 0.82 15.16
N ASP A 55 -3.26 -0.24 14.74
CA ASP A 55 -1.81 -0.23 14.82
C ASP A 55 -1.17 0.43 13.60
N GLY A 56 -1.97 0.91 12.66
CA GLY A 56 -1.47 1.58 11.47
C GLY A 56 -0.67 0.69 10.53
N LYS A 57 -0.78 -0.63 10.69
CA LYS A 57 0.03 -1.53 9.85
C LYS A 57 -0.74 -2.30 8.80
N TYR A 58 0.02 -2.81 7.85
CA TYR A 58 -0.58 -3.64 6.81
C TYR A 58 -0.90 -5.05 7.26
N GLY A 59 0.10 -5.75 7.78
CA GLY A 59 -0.07 -7.11 8.26
C GLY A 59 1.16 -7.99 8.06
N ALA A 60 1.84 -8.32 9.15
CA ALA A 60 2.84 -9.40 9.13
C ALA A 60 2.69 -10.23 10.39
N ARG A 61 3.23 -11.45 10.34
CA ARG A 61 3.18 -12.34 11.47
C ARG A 61 4.45 -12.24 12.33
N ASP A 62 4.26 -11.89 13.59
CA ASP A 62 5.36 -11.91 14.52
C ASP A 62 5.88 -13.33 14.66
N PRO A 63 7.14 -13.53 14.26
CA PRO A 63 7.83 -14.83 14.22
C PRO A 63 7.95 -15.41 15.62
N GLU A 64 7.93 -14.52 16.60
CA GLU A 64 8.03 -14.90 18.00
C GLU A 64 6.69 -15.41 18.54
N THR A 65 5.71 -14.52 18.59
CA THR A 65 4.43 -14.79 19.18
C THR A 65 3.45 -15.41 18.19
N LYS A 66 3.90 -15.57 16.95
CA LYS A 66 3.05 -16.14 15.88
C LYS A 66 1.85 -15.26 15.56
N ILE A 67 1.78 -14.10 16.18
CA ILE A 67 0.57 -13.29 16.09
C ILE A 67 0.60 -12.39 14.85
N TRP A 68 -0.54 -12.24 14.18
CA TRP A 68 -0.64 -11.36 13.02
C TRP A 68 -1.09 -9.95 13.40
N ASN A 69 -0.44 -8.93 12.84
CA ASN A 69 -0.82 -7.57 13.14
C ASN A 69 -1.52 -6.86 11.97
N GLY A 70 -1.77 -5.56 12.10
CA GLY A 70 -2.29 -4.81 10.97
C GLY A 70 -3.66 -5.29 10.48
N MET A 71 -4.02 -4.95 9.25
CA MET A 71 -5.35 -5.25 8.75
C MET A 71 -5.54 -6.79 8.68
N VAL A 72 -4.49 -7.48 8.26
CA VAL A 72 -4.54 -8.93 8.24
C VAL A 72 -5.01 -9.46 9.58
N GLY A 73 -4.35 -9.01 10.64
CA GLY A 73 -4.68 -9.41 11.99
C GLY A 73 -6.14 -9.11 12.24
N GLU A 74 -6.60 -7.91 11.90
CA GLU A 74 -8.01 -7.60 12.14
C GLU A 74 -8.95 -8.65 11.50
N LEU A 75 -8.58 -9.23 10.35
CA LEU A 75 -9.42 -10.25 9.72
C LEU A 75 -9.18 -11.62 10.33
N VAL A 76 -7.92 -11.94 10.64
CA VAL A 76 -7.61 -13.26 11.20
C VAL A 76 -8.26 -13.49 12.56
N TYR A 77 -8.30 -12.48 13.42
CA TYR A 77 -8.91 -12.65 14.73
C TYR A 77 -10.35 -12.19 14.82
N GLY A 78 -10.98 -11.90 13.68
CA GLY A 78 -12.41 -11.67 13.61
C GLY A 78 -12.91 -10.26 13.93
N ARG A 79 -12.02 -9.27 13.98
CA ARG A 79 -12.49 -7.94 14.37
C ARG A 79 -13.01 -7.13 13.22
N ALA A 80 -12.75 -7.61 12.00
CA ALA A 80 -13.22 -6.94 10.79
C ALA A 80 -13.75 -7.98 9.81
N ASP A 81 -14.71 -7.57 8.99
CA ASP A 81 -15.33 -8.49 8.05
C ASP A 81 -14.65 -8.39 6.67
N ILE A 82 -14.02 -7.26 6.41
CA ILE A 82 -13.38 -7.05 5.14
C ILE A 82 -12.35 -5.92 5.19
N ALA A 83 -11.35 -5.96 4.33
CA ALA A 83 -10.37 -4.91 4.30
C ALA A 83 -10.37 -4.41 2.89
N VAL A 84 -10.64 -3.11 2.73
CA VAL A 84 -10.60 -2.46 1.43
C VAL A 84 -9.46 -1.43 1.55
N ALA A 85 -8.30 -1.81 1.05
CA ALA A 85 -7.09 -1.02 1.25
C ALA A 85 -6.01 -1.45 0.23
N PRO A 86 -4.92 -0.66 0.11
CA PRO A 86 -3.86 -1.14 -0.79
C PRO A 86 -3.13 -2.30 -0.16
N LEU A 87 -3.84 -3.40 0.08
CA LEU A 87 -3.27 -4.59 0.68
C LEU A 87 -2.72 -5.55 -0.40
N THR A 88 -1.40 -5.79 -0.35
CA THR A 88 -0.71 -6.56 -1.37
C THR A 88 -1.05 -8.05 -1.20
N ILE A 89 -1.51 -8.68 -2.29
CA ILE A 89 -1.70 -10.12 -2.34
C ILE A 89 -0.36 -10.84 -2.27
N THR A 90 -0.15 -11.64 -1.22
CA THR A 90 1.08 -12.41 -1.08
C THR A 90 0.80 -13.84 -0.68
N LEU A 91 1.80 -14.70 -0.88
CA LEU A 91 1.72 -16.08 -0.50
C LEU A 91 1.44 -16.24 1.00
N VAL A 92 2.18 -15.56 1.85
CA VAL A 92 1.96 -15.81 3.27
C VAL A 92 0.61 -15.34 3.73
N ARG A 93 0.11 -14.26 3.12
CA ARG A 93 -1.17 -13.74 3.54
C ARG A 93 -2.29 -14.65 3.04
N GLU A 94 -2.14 -15.09 1.81
CA GLU A 94 -3.13 -15.95 1.17
C GLU A 94 -3.28 -17.29 1.91
N GLU A 95 -2.28 -17.70 2.68
CA GLU A 95 -2.47 -18.88 3.52
C GLU A 95 -3.39 -18.64 4.69
N VAL A 96 -3.63 -17.38 5.06
CA VAL A 96 -4.46 -17.16 6.26
C VAL A 96 -5.71 -16.30 6.00
N ILE A 97 -5.80 -15.64 4.85
CA ILE A 97 -7.00 -14.88 4.53
C ILE A 97 -7.33 -15.09 3.07
N ASP A 98 -8.49 -14.60 2.60
CA ASP A 98 -8.83 -14.63 1.16
C ASP A 98 -8.73 -13.26 0.48
N PHE A 99 -8.33 -13.25 -0.78
CA PHE A 99 -8.23 -11.99 -1.52
C PHE A 99 -9.10 -12.10 -2.75
N SER A 100 -9.81 -11.03 -3.08
CA SER A 100 -10.44 -10.98 -4.39
C SER A 100 -9.35 -10.96 -5.47
N LYS A 101 -9.75 -11.05 -6.72
CA LYS A 101 -8.80 -10.79 -7.79
C LYS A 101 -8.33 -9.35 -7.66
N PRO A 102 -7.13 -9.04 -8.17
CA PRO A 102 -6.56 -7.69 -8.01
C PRO A 102 -7.53 -6.60 -8.43
N PHE A 103 -7.66 -5.53 -7.63
CA PHE A 103 -8.34 -4.35 -8.18
C PHE A 103 -7.35 -3.34 -8.79
N MET A 104 -6.06 -3.54 -8.56
CA MET A 104 -5.05 -2.61 -9.08
C MET A 104 -3.79 -3.46 -9.22
N SER A 105 -3.04 -3.26 -10.30
CA SER A 105 -1.78 -3.98 -10.53
C SER A 105 -0.66 -2.98 -10.28
N LEU A 106 0.50 -3.46 -9.86
CA LEU A 106 1.59 -2.60 -9.43
C LEU A 106 2.85 -3.43 -9.15
N GLY A 107 3.93 -2.77 -8.75
CA GLY A 107 5.16 -3.45 -8.41
C GLY A 107 5.97 -2.50 -7.55
N ILE A 108 7.07 -3.01 -6.99
CA ILE A 108 7.96 -2.20 -6.17
C ILE A 108 8.75 -1.30 -7.11
N SER A 109 9.08 -0.10 -6.66
CA SER A 109 9.74 0.88 -7.51
C SER A 109 10.64 1.77 -6.67
N ILE A 110 11.41 2.63 -7.34
CA ILE A 110 12.32 3.50 -6.62
C ILE A 110 11.87 4.94 -6.77
N MET A 111 11.79 5.61 -5.63
CA MET A 111 11.49 7.02 -5.57
C MET A 111 12.75 7.76 -5.18
N ILE A 112 13.14 8.70 -6.04
CA ILE A 112 14.25 9.61 -5.77
C ILE A 112 13.88 11.11 -5.70
N LYS A 113 14.71 11.85 -5.02
CA LYS A 113 14.68 13.29 -5.17
C LYS A 113 15.20 13.64 -6.58
N LYS A 114 14.47 14.44 -7.34
CA LYS A 114 14.90 14.77 -8.70
C LYS A 114 16.39 15.13 -8.71
N GLY A 115 17.10 14.70 -9.75
CA GLY A 115 18.53 14.99 -9.87
C GLY A 115 19.39 13.89 -9.29
N THR A 116 18.84 13.07 -8.41
CA THR A 116 19.64 12.00 -7.82
C THR A 116 20.16 11.05 -8.89
N PRO A 117 21.45 10.69 -8.83
CA PRO A 117 22.08 9.89 -9.90
C PRO A 117 21.86 8.39 -9.76
N ILE A 118 20.63 7.93 -9.97
CA ILE A 118 20.25 6.55 -9.73
C ILE A 118 19.19 6.22 -10.74
N GLU A 119 19.34 5.13 -11.48
CA GLU A 119 18.32 4.78 -12.47
C GLU A 119 17.73 3.39 -12.23
N SER A 120 18.36 2.61 -11.35
CA SER A 120 17.98 1.21 -11.20
C SER A 120 18.35 0.75 -9.82
N ALA A 121 17.80 -0.39 -9.42
CA ALA A 121 18.23 -1.05 -8.18
C ALA A 121 19.72 -1.36 -8.24
N GLU A 122 20.21 -1.79 -9.42
CA GLU A 122 21.63 -2.04 -9.58
C GLU A 122 22.41 -0.76 -9.25
N ASP A 123 21.95 0.40 -9.70
CA ASP A 123 22.67 1.63 -9.35
C ASP A 123 22.71 1.85 -7.85
N LEU A 124 21.59 1.62 -7.15
CA LEU A 124 21.56 1.76 -5.70
C LEU A 124 22.49 0.77 -5.02
N ALA A 125 22.50 -0.45 -5.54
CA ALA A 125 23.15 -1.54 -4.85
C ALA A 125 24.65 -1.36 -4.87
N LYS A 126 25.18 -0.78 -5.95
CA LYS A 126 26.63 -0.72 -6.12
C LYS A 126 27.27 0.48 -5.43
N GLN A 127 26.52 1.16 -4.57
CA GLN A 127 27.05 2.39 -3.99
C GLN A 127 26.60 2.59 -2.56
N THR A 128 27.20 3.55 -1.87
CA THR A 128 26.84 3.77 -0.49
C THR A 128 26.75 5.25 -0.09
N GLU A 129 26.85 6.15 -1.05
CA GLU A 129 26.66 7.55 -0.72
C GLU A 129 25.16 7.80 -0.52
N ILE A 130 24.34 7.16 -1.34
CA ILE A 130 22.90 7.35 -1.25
C ILE A 130 22.29 6.19 -0.46
N ALA A 131 21.74 6.52 0.70
CA ALA A 131 21.03 5.54 1.52
C ALA A 131 19.68 5.26 0.88
N TYR A 132 19.06 4.17 1.32
CA TYR A 132 17.79 3.77 0.77
C TYR A 132 17.15 2.77 1.73
N GLY A 133 15.82 2.73 1.74
CA GLY A 133 15.09 1.89 2.69
C GLY A 133 13.66 1.67 2.20
N THR A 134 12.84 1.04 3.05
CA THR A 134 11.49 0.65 2.68
C THR A 134 10.59 0.85 3.90
N LEU A 135 9.29 0.74 3.70
CA LEU A 135 8.36 0.78 4.84
C LEU A 135 8.80 -0.31 5.82
N ALA A 136 8.88 0.08 7.11
CA ALA A 136 9.36 -0.78 8.24
C ALA A 136 8.73 -2.15 8.32
N SER A 137 7.46 -2.28 8.00
CA SER A 137 6.95 -3.61 7.77
C SER A 137 5.93 -3.49 6.67
N GLY A 138 5.87 -4.49 5.80
CA GLY A 138 5.02 -4.47 4.64
C GLY A 138 5.57 -5.48 3.67
N SER A 139 4.87 -5.73 2.58
CA SER A 139 5.35 -6.71 1.61
C SER A 139 6.67 -6.29 0.94
N THR A 140 6.94 -4.99 0.86
CA THR A 140 8.13 -4.53 0.14
C THR A 140 9.37 -5.00 0.88
N LYS A 141 9.36 -4.72 2.17
CA LYS A 141 10.42 -5.17 3.06
C LYS A 141 10.58 -6.67 2.94
N GLU A 142 9.47 -7.36 2.85
CA GLU A 142 9.54 -8.81 2.83
C GLU A 142 10.18 -9.25 1.51
N PHE A 143 9.77 -8.66 0.39
CA PHE A 143 10.39 -8.94 -0.89
C PHE A 143 11.90 -8.94 -0.76
N PHE A 144 12.45 -7.89 -0.16
CA PHE A 144 13.91 -7.84 0.00
C PHE A 144 14.44 -8.96 0.90
N ARG A 145 13.76 -9.18 2.03
CA ARG A 145 14.15 -10.17 3.01
C ARG A 145 14.22 -11.57 2.39
N ARG A 146 13.29 -11.89 1.50
CA ARG A 146 13.16 -13.23 0.95
C ARG A 146 13.88 -13.44 -0.38
N SER A 147 14.27 -12.37 -1.08
CA SER A 147 14.81 -12.56 -2.42
C SER A 147 16.06 -13.45 -2.42
N LYS A 148 16.26 -14.20 -3.50
CA LYS A 148 17.46 -14.99 -3.67
C LYS A 148 18.26 -14.39 -4.80
N ILE A 149 17.73 -13.30 -5.37
CA ILE A 149 18.41 -12.63 -6.47
C ILE A 149 19.53 -11.71 -5.97
N ALA A 150 20.75 -11.92 -6.49
CA ALA A 150 21.97 -11.29 -5.97
C ALA A 150 21.87 -9.79 -5.62
N VAL A 151 21.42 -8.99 -6.59
CA VAL A 151 21.25 -7.54 -6.37
C VAL A 151 20.33 -7.25 -5.19
N TYR A 152 19.22 -7.97 -5.10
CA TYR A 152 18.29 -7.76 -4.02
C TYR A 152 18.87 -8.28 -2.71
N GLU A 153 19.70 -9.31 -2.79
CA GLU A 153 20.32 -9.82 -1.57
C GLU A 153 21.31 -8.79 -1.04
N LYS A 154 22.09 -8.22 -1.93
CA LYS A 154 23.03 -7.16 -1.59
C LYS A 154 22.31 -6.01 -0.89
N MET A 155 21.23 -5.54 -1.51
CA MET A 155 20.43 -4.44 -0.98
C MET A 155 19.89 -4.74 0.40
N TRP A 156 19.41 -5.96 0.57
CA TRP A 156 18.89 -6.37 1.85
C TRP A 156 20.00 -6.44 2.89
N SER A 157 21.14 -6.97 2.47
CA SER A 157 22.28 -7.02 3.37
C SER A 157 22.62 -5.63 3.86
N TYR A 158 22.61 -4.66 2.96
CA TYR A 158 22.93 -3.30 3.36
C TYR A 158 21.83 -2.69 4.22
N MET A 159 20.58 -2.85 3.81
CA MET A 159 19.47 -2.23 4.54
C MET A 159 19.31 -2.75 5.95
N LYS A 160 19.43 -4.05 6.11
CA LYS A 160 19.16 -4.68 7.39
C LYS A 160 20.18 -4.23 8.43
N SER A 161 21.34 -3.80 7.98
CA SER A 161 22.41 -3.43 8.90
C SER A 161 22.71 -1.94 8.92
N ALA A 162 21.99 -1.13 8.14
CA ALA A 162 22.38 0.30 8.02
C ALA A 162 22.06 1.11 9.28
N GLU A 163 22.85 2.15 9.53
CA GLU A 163 22.67 2.97 10.73
C GLU A 163 22.81 4.45 10.41
N PRO A 164 21.85 5.27 10.85
CA PRO A 164 20.58 4.90 11.51
C PRO A 164 19.70 4.05 10.60
N SER A 165 18.70 3.39 11.19
CA SER A 165 17.67 2.65 10.44
C SER A 165 17.32 3.39 9.16
N VAL A 166 17.01 2.64 8.11
CA VAL A 166 16.55 3.25 6.86
C VAL A 166 15.10 2.89 6.65
N PHE A 167 14.56 2.14 7.59
CA PHE A 167 13.15 1.79 7.51
C PHE A 167 12.31 2.96 8.04
N THR A 168 11.08 3.08 7.56
CA THR A 168 10.17 4.12 8.06
C THR A 168 8.89 3.48 8.55
N LYS A 169 8.17 4.16 9.44
CA LYS A 169 6.95 3.55 9.95
C LYS A 169 5.76 3.84 9.03
N THR A 170 5.90 4.84 8.18
CA THR A 170 4.88 5.05 7.17
C THR A 170 5.47 5.53 5.85
N THR A 171 4.69 5.33 4.82
CA THR A 171 5.02 5.83 3.51
C THR A 171 5.38 7.29 3.60
N ALA A 172 4.58 8.03 4.34
CA ALA A 172 4.69 9.47 4.35
C ALA A 172 6.01 9.81 4.95
N ASP A 173 6.42 9.03 5.94
CA ASP A 173 7.74 9.26 6.52
C ASP A 173 8.88 9.09 5.53
N GLY A 174 8.77 8.06 4.68
CA GLY A 174 9.79 7.77 3.68
C GLY A 174 9.92 8.91 2.68
N VAL A 175 8.78 9.45 2.29
CA VAL A 175 8.70 10.49 1.29
C VAL A 175 9.34 11.75 1.84
N ALA A 176 8.94 12.11 3.06
CA ALA A 176 9.54 13.24 3.75
C ALA A 176 11.05 13.09 3.80
N ARG A 177 11.54 11.89 4.09
CA ARG A 177 12.98 11.66 4.18
C ARG A 177 13.70 11.80 2.84
N VAL A 178 13.06 11.33 1.77
CA VAL A 178 13.60 11.61 0.45
C VAL A 178 13.66 13.11 0.19
N ARG A 179 12.57 13.82 0.45
CA ARG A 179 12.48 15.25 0.20
C ARG A 179 13.49 16.07 1.04
N LYS A 180 13.74 15.62 2.26
CA LYS A 180 14.65 16.31 3.18
C LYS A 180 16.12 15.91 2.99
N SER A 181 16.39 14.89 2.19
CA SER A 181 17.75 14.35 2.17
C SER A 181 18.69 14.93 1.11
N LYS A 182 18.24 15.92 0.37
CA LYS A 182 19.09 16.54 -0.66
C LYS A 182 19.70 15.48 -1.58
N GLY A 183 18.89 14.47 -1.88
CA GLY A 183 19.28 13.41 -2.80
C GLY A 183 20.10 12.30 -2.15
N LYS A 184 20.21 12.31 -0.84
CA LYS A 184 21.04 11.32 -0.20
C LYS A 184 20.21 10.19 0.40
N PHE A 185 18.92 10.16 0.11
CA PHE A 185 18.06 9.02 0.50
C PHE A 185 17.07 8.67 -0.62
N ALA A 186 17.04 7.39 -0.99
CA ALA A 186 16.07 6.93 -1.98
C ALA A 186 15.11 5.93 -1.32
N PHE A 187 13.85 5.98 -1.72
CA PHE A 187 12.85 5.18 -1.02
C PHE A 187 12.29 4.10 -1.92
N LEU A 188 12.24 2.89 -1.39
CA LEU A 188 11.65 1.75 -2.07
C LEU A 188 10.18 1.55 -1.68
N LEU A 189 9.27 1.74 -2.64
CA LEU A 189 7.85 1.65 -2.34
C LEU A 189 7.08 1.32 -3.60
N GLU A 190 5.80 0.99 -3.43
CA GLU A 190 4.99 0.51 -4.55
C GLU A 190 4.70 1.61 -5.55
N SER A 191 4.64 1.19 -6.82
CA SER A 191 4.68 2.11 -7.94
C SER A 191 3.47 3.01 -7.87
N THR A 192 2.42 2.48 -7.28
CA THR A 192 1.17 3.19 -7.13
C THR A 192 1.37 4.41 -6.25
N MET A 193 1.93 4.21 -5.07
CA MET A 193 2.14 5.34 -4.17
C MET A 193 3.17 6.28 -4.78
N ASN A 194 4.15 5.69 -5.45
CA ASN A 194 5.23 6.43 -6.03
C ASN A 194 4.64 7.42 -7.07
N GLU A 195 3.75 6.91 -7.90
CA GLU A 195 3.12 7.70 -8.98
C GLU A 195 2.23 8.82 -8.46
N TYR A 196 1.47 8.52 -7.41
CA TYR A 196 0.65 9.52 -6.79
C TYR A 196 1.50 10.72 -6.33
N ILE A 197 2.53 10.40 -5.55
CA ILE A 197 3.43 11.37 -4.93
C ILE A 197 4.09 12.24 -6.02
N GLU A 198 4.48 11.61 -7.11
CA GLU A 198 5.09 12.27 -8.27
C GLU A 198 4.20 13.37 -8.88
N GLN A 199 2.89 13.26 -8.63
CA GLN A 199 1.94 14.22 -9.17
C GLN A 199 1.52 15.24 -8.14
N ARG A 200 2.22 15.33 -7.03
CA ARG A 200 1.83 16.31 -6.03
C ARG A 200 2.95 17.32 -5.78
N LYS A 201 2.55 18.53 -5.40
CA LYS A 201 3.50 19.56 -5.00
C LYS A 201 4.31 19.10 -3.80
N PRO A 202 5.59 19.48 -3.72
CA PRO A 202 6.42 20.38 -4.52
C PRO A 202 6.98 19.78 -5.81
N CYS A 203 6.45 18.64 -6.25
CA CYS A 203 6.92 18.05 -7.51
C CYS A 203 8.44 17.89 -7.55
N ASP A 204 9.02 17.32 -6.50
CA ASP A 204 10.46 17.20 -6.39
C ASP A 204 10.92 15.77 -6.33
N THR A 205 9.98 14.84 -6.55
CA THR A 205 10.28 13.43 -6.56
C THR A 205 9.91 12.83 -7.90
N MET A 206 10.49 11.68 -8.21
CA MET A 206 10.12 10.99 -9.41
C MET A 206 10.38 9.48 -9.27
N LYS A 207 9.62 8.70 -10.01
CA LYS A 207 9.89 7.28 -10.08
C LYS A 207 10.96 7.05 -11.15
N VAL A 208 11.94 6.23 -10.81
CA VAL A 208 12.96 5.87 -11.78
C VAL A 208 13.06 4.37 -12.05
N GLY A 209 13.28 4.03 -13.31
CA GLY A 209 13.45 2.64 -13.69
C GLY A 209 12.15 1.85 -13.80
N GLY A 210 12.30 0.55 -13.99
CA GLY A 210 11.14 -0.32 -14.09
C GLY A 210 10.76 -0.70 -12.69
N ASN A 211 9.65 -1.42 -12.55
CA ASN A 211 9.31 -2.05 -11.28
C ASN A 211 10.16 -3.29 -11.10
N LEU A 212 10.29 -3.70 -9.86
CA LEU A 212 11.14 -4.83 -9.54
C LEU A 212 10.33 -6.14 -9.59
N ASP A 213 9.02 -6.03 -9.44
CA ASP A 213 8.16 -7.20 -9.56
C ASP A 213 6.81 -6.75 -10.06
N SER A 214 5.90 -7.72 -10.17
CA SER A 214 4.58 -7.52 -10.73
C SER A 214 3.57 -8.22 -9.84
N LYS A 215 2.76 -7.44 -9.13
CA LYS A 215 1.77 -8.00 -8.23
C LYS A 215 0.50 -7.14 -8.25
N GLY A 216 -0.39 -7.34 -7.27
CA GLY A 216 -1.61 -6.56 -7.23
C GLY A 216 -2.18 -6.44 -5.82
N TYR A 217 -3.17 -5.54 -5.66
CA TYR A 217 -3.90 -5.39 -4.42
C TYR A 217 -5.23 -6.12 -4.56
N GLY A 218 -5.64 -6.77 -3.49
CA GLY A 218 -6.92 -7.48 -3.48
C GLY A 218 -7.74 -6.99 -2.31
N VAL A 219 -9.05 -6.98 -2.47
CA VAL A 219 -9.94 -6.84 -1.34
C VAL A 219 -9.92 -8.14 -0.51
N ALA A 220 -9.69 -8.02 0.79
CA ALA A 220 -9.44 -9.19 1.60
C ALA A 220 -10.58 -9.49 2.58
N THR A 221 -10.77 -10.77 2.84
CA THR A 221 -11.96 -11.26 3.60
C THR A 221 -11.44 -12.34 4.54
N PRO A 222 -12.11 -12.58 5.66
CA PRO A 222 -11.71 -13.69 6.53
C PRO A 222 -11.77 -15.03 5.77
N LYS A 223 -10.82 -15.95 6.00
CA LYS A 223 -10.81 -17.20 5.28
C LYS A 223 -12.15 -17.99 5.35
N GLY A 224 -12.60 -18.50 4.20
CA GLY A 224 -13.91 -19.13 4.11
C GLY A 224 -15.12 -18.26 4.44
N SER A 225 -14.97 -16.93 4.46
CA SER A 225 -16.11 -16.03 4.62
C SER A 225 -17.10 -16.05 3.45
N ALA A 226 -18.39 -15.94 3.77
CA ALA A 226 -19.38 -16.06 2.71
C ALA A 226 -19.68 -14.71 2.06
N LEU A 227 -18.78 -13.74 2.25
CA LEU A 227 -18.84 -12.46 1.54
C LEU A 227 -17.85 -12.49 0.41
N GLY A 228 -16.79 -13.28 0.60
CA GLY A 228 -15.71 -13.45 -0.37
C GLY A 228 -16.11 -13.58 -1.82
N ASN A 229 -17.04 -14.50 -2.06
CA ASN A 229 -17.50 -14.80 -3.41
C ASN A 229 -18.15 -13.59 -4.06
N ALA A 230 -19.05 -12.93 -3.34
CA ALA A 230 -19.71 -11.75 -3.92
C ALA A 230 -18.72 -10.61 -4.15
N VAL A 231 -17.74 -10.47 -3.25
CA VAL A 231 -16.86 -9.33 -3.30
C VAL A 231 -15.97 -9.49 -4.52
N ASN A 232 -15.63 -10.75 -4.78
CA ASN A 232 -14.77 -11.07 -5.90
C ASN A 232 -15.46 -10.79 -7.23
N LEU A 233 -16.72 -11.20 -7.34
CA LEU A 233 -17.46 -10.96 -8.57
C LEU A 233 -17.61 -9.47 -8.75
N ALA A 234 -17.82 -8.79 -7.62
CA ALA A 234 -18.06 -7.35 -7.59
C ALA A 234 -16.84 -6.63 -8.12
N VAL A 235 -15.66 -7.07 -7.71
CA VAL A 235 -14.42 -6.44 -8.20
C VAL A 235 -14.29 -6.60 -9.72
N LEU A 236 -14.50 -7.80 -10.21
CA LEU A 236 -14.34 -8.03 -11.64
C LEU A 236 -15.37 -7.22 -12.41
N LYS A 237 -16.58 -7.22 -11.90
CA LYS A 237 -17.59 -6.40 -12.55
C LYS A 237 -17.10 -4.97 -12.65
N LEU A 238 -16.67 -4.41 -11.53
CA LEU A 238 -16.30 -2.99 -11.51
C LEU A 238 -15.15 -2.71 -12.48
N ASN A 239 -14.22 -3.65 -12.58
CA ASN A 239 -13.11 -3.49 -13.49
C ASN A 239 -13.65 -3.55 -14.91
N GLU A 240 -14.55 -4.48 -15.15
CA GLU A 240 -15.12 -4.63 -16.50
C GLU A 240 -15.96 -3.43 -16.92
N GLN A 241 -16.55 -2.69 -15.98
CA GLN A 241 -17.28 -1.48 -16.37
C GLN A 241 -16.39 -0.26 -16.54
N GLY A 242 -15.11 -0.44 -16.21
CA GLY A 242 -14.16 0.64 -16.39
C GLY A 242 -14.23 1.60 -15.21
N LEU A 243 -14.91 1.17 -14.16
CA LEU A 243 -15.01 2.01 -12.98
C LEU A 243 -13.69 2.11 -12.23
N LEU A 244 -12.92 1.01 -12.23
CA LEU A 244 -11.67 1.01 -11.48
C LEU A 244 -10.69 1.97 -12.13
N ASP A 245 -10.72 2.01 -13.46
CA ASP A 245 -9.86 2.91 -14.22
C ASP A 245 -10.29 4.36 -14.00
N LYS A 246 -11.60 4.57 -13.92
CA LYS A 246 -12.12 5.91 -13.67
C LYS A 246 -11.70 6.45 -12.30
N LEU A 247 -11.84 5.64 -11.26
CA LEU A 247 -11.36 6.01 -9.91
C LEU A 247 -9.86 6.20 -9.86
N LYS A 248 -9.12 5.56 -10.73
CA LYS A 248 -7.67 5.73 -10.67
C LYS A 248 -7.32 7.11 -11.23
N ASN A 249 -7.94 7.45 -12.35
CA ASN A 249 -7.81 8.77 -12.91
C ASN A 249 -8.28 9.84 -11.93
N LYS A 250 -9.36 9.55 -11.23
CA LYS A 250 -9.88 10.56 -10.33
C LYS A 250 -8.87 10.92 -9.22
N TRP A 251 -8.26 9.92 -8.61
CA TRP A 251 -7.47 10.18 -7.40
C TRP A 251 -5.99 10.46 -7.61
N TRP A 252 -5.47 10.05 -8.77
CA TRP A 252 -4.06 10.22 -9.10
C TRP A 252 -3.85 11.41 -10.07
N TYR A 253 -4.53 11.35 -11.21
CA TYR A 253 -4.12 12.07 -12.40
C TYR A 253 -5.02 13.25 -12.71
N ASP A 254 -6.32 13.09 -12.51
CA ASP A 254 -7.26 14.15 -12.84
C ASP A 254 -6.88 15.47 -12.15
N LYS A 255 -6.54 15.39 -10.87
CA LYS A 255 -6.10 16.56 -10.10
C LYS A 255 -4.55 16.73 -10.03
N GLY A 256 -3.78 15.95 -10.78
CA GLY A 256 -2.32 16.07 -10.73
C GLY A 256 -1.83 17.52 -10.72
N GLU A 257 -0.77 17.78 -9.95
CA GLU A 257 -0.29 19.16 -9.67
C GLU A 257 1.04 19.46 -10.37
N CYS A 258 1.47 18.51 -11.20
CA CYS A 258 2.80 18.53 -11.74
C CYS A 258 2.72 18.25 -13.25
C01 QUS B . 1.47 -4.23 1.86
C02 QUS B . 1.95 -3.03 1.04
C03 QUS B . 2.35 -1.98 2.08
C04 QUS B . 4.76 -1.57 1.36
C05 QUS B . 4.32 0.23 0.07
NP3 QUS B . 0.79 -2.68 0.15
N14 QUS B . 3.47 -1.16 1.60
N15 QUS B . 5.25 -0.70 0.43
O16 QUS B . 0.34 -4.69 1.62
O17 QUS B . 2.24 -4.69 2.70
O18 QUS B . 5.29 -2.49 1.88
O19 QUS B . 4.39 1.13 -0.72
O20 QUS B . 3.18 -0.02 0.78
ZN ZN C . -6.84 16.44 10.89
#